data_4LDL
#
_entry.id   4LDL
#
_cell.length_a   49.670
_cell.length_b   66.480
_cell.length_c   303.100
_cell.angle_alpha   90.00
_cell.angle_beta   90.00
_cell.angle_gamma   90.00
#
_symmetry.space_group_name_H-M   'P 21 21 21'
#
loop_
_entity.id
_entity.type
_entity.pdbx_description
1 polymer 'Lysozyme, Beta-2 adrenergic receptor'
2 polymer 'Camelid Antibody Fragment'
3 non-polymer 4-[(1R)-1-hydroxy-2-{[1-(4-hydroxyphenyl)-2-methylpropan-2-yl]amino}ethyl]benzene-1,2-diol
4 non-polymer 'SODIUM ION'
5 non-polymer '(2S)-2,3-dihydroxypropyl (7Z)-tetradec-7-enoate'
6 water water
#
loop_
_entity_poly.entity_id
_entity_poly.type
_entity_poly.pdbx_seq_one_letter_code
_entity_poly.pdbx_strand_id
1 'polypeptide(L)'
;DYKDDDDAENLYFQGNIFEMLRIDEGLRLKIYKDTEGYYTIGIGHLLTKSPSLNAAKSELDKAIGRNTNGVITKDEAEKL
FNQDVDAAVRGILRNAKLKPVYDSLDAVRRAALINMVFQMGETGVAGFTNSLRMLQQKRWDEAAVNLAKSRWYNQTPNRA
KRVITTFRTGTWDAYAADEVWVVGMGIVMSLIVLAIVFGNVLVITAIAKFERLQTVTNYFITSLACADLVMGLAVVPFGA
AHILTKTWTFGNFWCEFWTSIDVLCVTASIETLCVIAVDRYFAITSPFKYQSLLTKNKARVIILMVWIVSGLTSFLPIQM
HWYRATHQEAINCYAEETCCDFFTNQAYAIASSIVSFYVPLVIMVFVYSRVFQEAKRQLQKIDKFALKEHKALKTLGIIM
GTFTLCWLPFFIVNIVHVIQDNLIRKEVYILLNWIGYVNSGFNPLIYCRSPDFRIAFQELLCLRRSSLK
;
A
2 'polypeptide(L)'
;QVQLQESGGGLVQAGGSLRLSCAASGSIFALNIMGWYRQAPGKQRELVAAIHSGGTTNYANSVKGRFTISRDNAANTVYL
QMNSLKPEDTAVYYCNVKDFGAIIYDYDYWGQGTQVTVSS
;
B
#
loop_
_chem_comp.id
_chem_comp.type
_chem_comp.name
_chem_comp.formula
1WV non-polymer '(2S)-2,3-dihydroxypropyl (7Z)-tetradec-7-enoate' 'C17 H32 O4'
NA non-polymer 'SODIUM ION' 'Na 1'
XQC non-polymer 4-[(1R)-1-hydroxy-2-{[1-(4-hydroxyphenyl)-2-methylpropan-2-yl]amino}ethyl]benzene-1,2-diol 'C18 H23 N O4'
#
# COMPACT_ATOMS: atom_id res chain seq x y z
N ASP A 7 -6.34 -30.60 -33.94
CA ASP A 7 -7.36 -30.25 -32.95
C ASP A 7 -7.73 -28.77 -33.03
N ALA A 8 -6.82 -27.97 -33.59
CA ALA A 8 -7.00 -26.53 -33.73
C ALA A 8 -7.28 -25.85 -32.39
N GLU A 9 -6.66 -26.35 -31.33
CA GLU A 9 -6.84 -25.80 -29.99
C GLU A 9 -5.60 -25.05 -29.53
N ASN A 10 -5.69 -23.72 -29.50
CA ASN A 10 -4.58 -22.90 -29.04
C ASN A 10 -5.05 -21.72 -28.20
N LEU A 11 -6.19 -21.88 -27.54
CA LEU A 11 -6.70 -20.87 -26.62
C LEU A 11 -6.58 -21.38 -25.17
N TYR A 12 -6.38 -20.46 -24.24
CA TYR A 12 -6.01 -20.77 -22.85
C TYR A 12 -6.83 -21.90 -22.21
N PHE A 13 -6.12 -22.78 -21.51
CA PHE A 13 -6.68 -23.90 -20.74
C PHE A 13 -7.21 -25.05 -21.59
N GLN A 14 -6.30 -25.93 -21.99
CA GLN A 14 -6.66 -27.18 -22.64
C GLN A 14 -6.63 -28.29 -21.59
N GLY A 15 -7.67 -29.13 -21.59
CA GLY A 15 -7.79 -30.17 -20.59
C GLY A 15 -6.74 -31.26 -20.70
N ASN A 16 -5.80 -31.26 -19.75
CA ASN A 16 -4.76 -32.28 -19.70
C ASN A 16 -4.23 -32.56 -18.30
N ILE A 17 -3.27 -33.48 -18.20
CA ILE A 17 -2.71 -33.89 -16.92
C ILE A 17 -1.68 -32.89 -16.38
N PHE A 18 -0.96 -32.25 -17.28
CA PHE A 18 0.14 -31.35 -16.91
C PHE A 18 -0.31 -30.13 -16.12
N GLU A 19 -1.34 -29.43 -16.61
CA GLU A 19 -1.86 -28.25 -15.93
C GLU A 19 -2.52 -28.65 -14.61
N MET A 20 -3.24 -29.76 -14.63
CA MET A 20 -3.90 -30.30 -13.44
C MET A 20 -2.87 -30.55 -12.33
N LEU A 21 -1.79 -31.22 -12.68
CA LEU A 21 -0.72 -31.51 -11.73
C LEU A 21 0.02 -30.25 -11.30
N ARG A 22 0.11 -29.28 -12.21
CA ARG A 22 0.74 -28.00 -11.86
C ARG A 22 -0.09 -27.29 -10.79
N ILE A 23 -1.41 -27.41 -10.90
CA ILE A 23 -2.29 -26.81 -9.91
C ILE A 23 -2.24 -27.56 -8.58
N ASP A 24 -2.29 -28.89 -8.65
CA ASP A 24 -2.32 -29.71 -7.44
C ASP A 24 -0.99 -29.73 -6.67
N GLU A 25 0.12 -29.55 -7.38
CA GLU A 25 1.44 -29.64 -6.77
C GLU A 25 2.09 -28.27 -6.58
N GLY A 26 2.14 -27.49 -7.65
CA GLY A 26 2.80 -26.20 -7.62
C GLY A 26 4.27 -26.34 -7.96
N LEU A 27 4.89 -25.23 -8.34
CA LEU A 27 6.30 -25.25 -8.75
C LEU A 27 7.20 -24.62 -7.69
N ARG A 28 8.02 -25.45 -7.05
CA ARG A 28 9.00 -24.96 -6.08
C ARG A 28 10.39 -25.49 -6.43
N LEU A 29 11.31 -24.57 -6.72
CA LEU A 29 12.64 -24.94 -7.20
C LEU A 29 13.57 -25.43 -6.09
N LYS A 30 13.33 -24.97 -4.86
CA LYS A 30 14.16 -25.39 -3.72
C LYS A 30 13.52 -26.58 -3.02
N ILE A 31 14.35 -27.46 -2.47
CA ILE A 31 13.86 -28.65 -1.77
C ILE A 31 12.94 -28.29 -0.60
N TYR A 32 11.74 -28.84 -0.61
CA TYR A 32 10.78 -28.60 0.46
C TYR A 32 10.22 -29.91 1.01
N LYS A 33 9.49 -29.82 2.11
CA LYS A 33 8.80 -30.98 2.67
C LYS A 33 7.31 -30.90 2.42
N ASP A 34 6.74 -31.99 1.92
CA ASP A 34 5.29 -32.05 1.68
C ASP A 34 4.53 -32.16 2.99
N THR A 35 3.21 -32.40 2.90
CA THR A 35 2.38 -32.53 4.08
C THR A 35 2.74 -33.76 4.90
N GLU A 36 3.32 -34.77 4.23
CA GLU A 36 3.75 -35.98 4.91
C GLU A 36 5.05 -35.75 5.69
N GLY A 37 6.07 -35.27 4.99
CA GLY A 37 7.36 -34.99 5.62
C GLY A 37 8.53 -35.41 4.75
N TYR A 38 8.23 -35.96 3.58
CA TYR A 38 9.28 -36.40 2.66
C TYR A 38 9.79 -35.25 1.82
N TYR A 39 11.08 -35.28 1.50
CA TYR A 39 11.71 -34.22 0.72
C TYR A 39 11.25 -34.22 -0.74
N THR A 40 10.55 -33.17 -1.13
CA THR A 40 10.02 -33.04 -2.48
C THR A 40 10.59 -31.78 -3.13
N ILE A 41 10.81 -31.85 -4.44
CA ILE A 41 11.31 -30.69 -5.18
C ILE A 41 10.60 -30.59 -6.52
N GLY A 42 10.64 -29.42 -7.13
CA GLY A 42 10.01 -29.20 -8.42
C GLY A 42 8.51 -29.27 -8.35
N ILE A 43 7.90 -29.96 -9.31
CA ILE A 43 6.46 -30.14 -9.33
C ILE A 43 6.08 -31.52 -8.81
N GLY A 44 6.13 -31.68 -7.50
CA GLY A 44 5.72 -32.92 -6.86
C GLY A 44 6.63 -34.10 -7.13
N HIS A 45 7.92 -33.83 -7.25
CA HIS A 45 8.90 -34.90 -7.49
C HIS A 45 9.49 -35.39 -6.17
N LEU A 46 9.15 -36.62 -5.80
CA LEU A 46 9.64 -37.22 -4.57
C LEU A 46 11.10 -37.66 -4.70
N LEU A 47 11.97 -37.01 -3.94
CA LEU A 47 13.39 -37.34 -3.95
C LEU A 47 13.66 -38.62 -3.19
N THR A 48 13.41 -38.59 -1.88
CA THR A 48 13.62 -39.76 -1.03
C THR A 48 12.74 -39.71 0.21
N LYS A 49 12.57 -40.87 0.85
CA LYS A 49 11.77 -40.96 2.07
C LYS A 49 12.67 -40.87 3.30
N SER A 50 13.96 -40.63 3.07
CA SER A 50 14.92 -40.49 4.16
C SER A 50 14.80 -39.11 4.81
N PRO A 51 14.81 -39.07 6.15
CA PRO A 51 14.71 -37.82 6.91
C PRO A 51 15.94 -36.92 6.71
N SER A 52 17.01 -37.48 6.17
CA SER A 52 18.23 -36.72 5.94
C SER A 52 18.14 -35.87 4.68
N LEU A 53 18.50 -34.59 4.80
CA LEU A 53 18.47 -33.67 3.67
C LEU A 53 19.62 -33.95 2.70
N ASN A 54 20.74 -34.43 3.24
CA ASN A 54 21.92 -34.74 2.43
C ASN A 54 21.64 -35.86 1.43
N ALA A 55 20.87 -36.86 1.87
CA ALA A 55 20.48 -37.96 1.00
C ALA A 55 19.58 -37.45 -0.12
N ALA A 56 18.70 -36.52 0.22
CA ALA A 56 17.82 -35.89 -0.76
C ALA A 56 18.65 -35.11 -1.79
N LYS A 57 19.68 -34.42 -1.32
CA LYS A 57 20.58 -33.68 -2.19
C LYS A 57 21.35 -34.63 -3.10
N SER A 58 21.67 -35.81 -2.57
CA SER A 58 22.38 -36.82 -3.35
C SER A 58 21.50 -37.37 -4.47
N GLU A 59 20.28 -37.75 -4.11
CA GLU A 59 19.32 -38.27 -5.10
C GLU A 59 19.01 -37.21 -6.14
N LEU A 60 18.92 -35.96 -5.71
CA LEU A 60 18.65 -34.84 -6.61
C LEU A 60 19.80 -34.62 -7.58
N ASP A 61 21.02 -34.62 -7.07
CA ASP A 61 22.21 -34.45 -7.90
C ASP A 61 22.36 -35.61 -8.87
N LYS A 62 21.90 -36.79 -8.47
CA LYS A 62 21.95 -37.96 -9.34
C LYS A 62 20.89 -37.87 -10.44
N ALA A 63 19.70 -37.37 -10.08
CA ALA A 63 18.60 -37.24 -11.03
C ALA A 63 18.87 -36.16 -12.07
N ILE A 64 19.38 -35.02 -11.62
CA ILE A 64 19.67 -33.91 -12.52
C ILE A 64 20.92 -34.17 -13.35
N GLY A 65 22.04 -34.45 -12.68
CA GLY A 65 23.28 -34.74 -13.37
C GLY A 65 24.36 -33.73 -13.06
N ARG A 66 24.20 -33.01 -11.96
CA ARG A 66 25.18 -32.02 -11.52
C ARG A 66 25.01 -31.71 -10.05
N ASN A 67 25.94 -30.95 -9.49
CA ASN A 67 25.82 -30.49 -8.11
C ASN A 67 24.84 -29.33 -8.03
N THR A 68 23.63 -29.61 -7.56
CA THR A 68 22.54 -28.63 -7.57
C THR A 68 22.45 -27.82 -6.27
N ASN A 69 23.06 -28.34 -5.21
CA ASN A 69 22.98 -27.72 -3.89
C ASN A 69 21.55 -27.57 -3.38
N GLY A 70 20.66 -28.45 -3.83
CA GLY A 70 19.29 -28.45 -3.40
C GLY A 70 18.39 -27.54 -4.20
N VAL A 71 18.95 -26.86 -5.19
CA VAL A 71 18.19 -25.92 -6.01
C VAL A 71 18.35 -26.20 -7.50
N ILE A 72 17.22 -26.46 -8.16
CA ILE A 72 17.22 -26.68 -9.61
C ILE A 72 16.56 -25.52 -10.34
N THR A 73 16.76 -25.45 -11.65
CA THR A 73 16.19 -24.37 -12.46
C THR A 73 14.79 -24.73 -12.93
N LYS A 74 14.14 -23.80 -13.62
CA LYS A 74 12.82 -24.03 -14.17
C LYS A 74 12.82 -25.15 -15.22
N ASP A 75 13.79 -25.08 -16.13
CA ASP A 75 13.94 -26.07 -17.19
C ASP A 75 14.04 -27.49 -16.61
N GLU A 76 14.94 -27.64 -15.64
CA GLU A 76 15.17 -28.93 -15.00
C GLU A 76 13.92 -29.41 -14.26
N ALA A 77 13.20 -28.47 -13.66
CA ALA A 77 11.97 -28.80 -12.93
C ALA A 77 10.89 -29.31 -13.89
N GLU A 78 10.76 -28.66 -15.04
CA GLU A 78 9.79 -29.07 -16.04
C GLU A 78 10.16 -30.43 -16.64
N LYS A 79 11.45 -30.64 -16.88
CA LYS A 79 11.93 -31.92 -17.38
C LYS A 79 11.62 -33.05 -16.40
N LEU A 80 11.91 -32.81 -15.12
CA LEU A 80 11.57 -33.79 -14.08
C LEU A 80 10.08 -34.06 -14.05
N PHE A 81 9.29 -32.99 -14.19
CA PHE A 81 7.84 -33.09 -14.19
C PHE A 81 7.34 -34.01 -15.30
N ASN A 82 7.75 -33.72 -16.53
CA ASN A 82 7.37 -34.54 -17.68
C ASN A 82 7.85 -35.99 -17.55
N GLN A 83 9.07 -36.15 -17.03
CA GLN A 83 9.62 -37.49 -16.81
C GLN A 83 8.76 -38.28 -15.84
N ASP A 84 8.32 -37.62 -14.77
CA ASP A 84 7.50 -38.26 -13.75
C ASP A 84 6.10 -38.59 -14.28
N VAL A 85 5.57 -37.70 -15.12
CA VAL A 85 4.27 -37.93 -15.73
C VAL A 85 4.31 -39.13 -16.67
N ASP A 86 5.32 -39.15 -17.55
CA ASP A 86 5.51 -40.25 -18.49
C ASP A 86 5.77 -41.57 -17.76
N ALA A 87 6.55 -41.49 -16.69
CA ALA A 87 6.83 -42.67 -15.88
C ALA A 87 5.56 -43.17 -15.20
N ALA A 88 4.67 -42.23 -14.85
CA ALA A 88 3.40 -42.59 -14.25
C ALA A 88 2.52 -43.30 -15.28
N VAL A 89 2.50 -42.78 -16.51
CA VAL A 89 1.73 -43.38 -17.59
C VAL A 89 2.22 -44.79 -17.91
N ARG A 90 3.53 -44.94 -18.07
CA ARG A 90 4.13 -46.24 -18.33
C ARG A 90 3.88 -47.18 -17.16
N GLY A 91 3.86 -46.63 -15.96
CA GLY A 91 3.54 -47.40 -14.76
C GLY A 91 2.12 -47.91 -14.79
N ILE A 92 1.22 -47.11 -15.36
CA ILE A 92 -0.18 -47.52 -15.50
C ILE A 92 -0.31 -48.61 -16.54
N LEU A 93 0.34 -48.41 -17.69
CA LEU A 93 0.26 -49.37 -18.79
C LEU A 93 0.88 -50.72 -18.45
N ARG A 94 1.96 -50.70 -17.66
CA ARG A 94 2.62 -51.95 -17.27
C ARG A 94 1.78 -52.76 -16.28
N ASN A 95 1.06 -52.07 -15.41
CA ASN A 95 0.28 -52.74 -14.37
C ASN A 95 -0.93 -53.46 -14.93
N ALA A 96 -1.35 -54.54 -14.26
CA ALA A 96 -2.45 -55.37 -14.74
C ALA A 96 -3.80 -54.88 -14.20
N LYS A 97 -3.77 -54.07 -13.15
CA LYS A 97 -4.99 -53.54 -12.56
C LYS A 97 -5.32 -52.15 -13.07
N LEU A 98 -4.29 -51.42 -13.48
CA LEU A 98 -4.46 -50.02 -13.88
C LEU A 98 -4.84 -49.88 -15.35
N LYS A 99 -4.26 -50.73 -16.20
CA LYS A 99 -4.47 -50.63 -17.64
C LYS A 99 -5.91 -50.89 -18.13
N PRO A 100 -6.57 -51.97 -17.66
CA PRO A 100 -7.95 -52.18 -18.09
C PRO A 100 -8.86 -51.03 -17.67
N VAL A 101 -8.55 -50.41 -16.53
CA VAL A 101 -9.28 -49.25 -16.08
C VAL A 101 -8.93 -48.02 -16.92
N TYR A 102 -7.64 -47.83 -17.15
CA TYR A 102 -7.14 -46.69 -17.90
C TYR A 102 -7.72 -46.61 -19.31
N ASP A 103 -7.80 -47.76 -19.98
CA ASP A 103 -8.32 -47.81 -21.33
C ASP A 103 -9.81 -47.52 -21.39
N SER A 104 -10.52 -47.86 -20.31
CA SER A 104 -11.96 -47.67 -20.24
C SER A 104 -12.32 -46.33 -19.60
N LEU A 105 -11.48 -45.33 -19.80
CA LEU A 105 -11.72 -44.00 -19.26
C LEU A 105 -11.57 -42.93 -20.33
N ASP A 106 -12.37 -41.87 -20.24
CA ASP A 106 -12.22 -40.72 -21.10
C ASP A 106 -10.95 -39.97 -20.73
N ALA A 107 -10.51 -39.04 -21.58
CA ALA A 107 -9.26 -38.32 -21.39
C ALA A 107 -9.16 -37.62 -20.03
N VAL A 108 -10.29 -37.08 -19.57
CA VAL A 108 -10.35 -36.37 -18.30
C VAL A 108 -10.11 -37.32 -17.12
N ARG A 109 -10.92 -38.37 -17.05
CA ARG A 109 -10.78 -39.37 -16.00
C ARG A 109 -9.44 -40.09 -16.10
N ARG A 110 -8.95 -40.25 -17.32
CA ARG A 110 -7.61 -40.79 -17.54
C ARG A 110 -6.59 -39.89 -16.86
N ALA A 111 -6.75 -38.59 -17.04
CA ALA A 111 -5.87 -37.61 -16.40
C ALA A 111 -5.98 -37.68 -14.87
N ALA A 112 -7.18 -37.99 -14.38
CA ALA A 112 -7.37 -38.15 -12.94
C ALA A 112 -6.59 -39.36 -12.41
N LEU A 113 -6.67 -40.47 -13.14
CA LEU A 113 -5.95 -41.68 -12.77
C LEU A 113 -4.45 -41.45 -12.81
N ILE A 114 -3.99 -40.82 -13.89
CA ILE A 114 -2.57 -40.48 -14.05
C ILE A 114 -2.12 -39.57 -12.91
N ASN A 115 -3.02 -38.71 -12.46
CA ASN A 115 -2.74 -37.85 -11.31
C ASN A 115 -2.52 -38.68 -10.05
N MET A 116 -3.45 -39.59 -9.76
CA MET A 116 -3.33 -40.47 -8.60
C MET A 116 -2.02 -41.26 -8.62
N VAL A 117 -1.71 -41.86 -9.76
CA VAL A 117 -0.48 -42.63 -9.92
C VAL A 117 0.75 -41.75 -9.75
N PHE A 118 0.67 -40.53 -10.25
CA PHE A 118 1.74 -39.55 -10.13
C PHE A 118 1.98 -39.25 -8.66
N GLN A 119 0.91 -39.21 -7.88
CA GLN A 119 1.03 -38.91 -6.46
C GLN A 119 1.53 -40.10 -5.65
N MET A 120 0.72 -41.15 -5.53
CA MET A 120 1.03 -42.23 -4.60
C MET A 120 1.62 -43.50 -5.24
N GLY A 121 2.03 -43.40 -6.50
CA GLY A 121 2.72 -44.50 -7.16
C GLY A 121 1.84 -45.57 -7.76
N GLU A 122 2.43 -46.36 -8.66
CA GLU A 122 1.71 -47.40 -9.40
C GLU A 122 1.11 -48.46 -8.48
N THR A 123 1.95 -49.00 -7.60
CA THR A 123 1.52 -50.01 -6.64
C THR A 123 0.42 -49.49 -5.73
N GLY A 124 0.62 -48.30 -5.18
CA GLY A 124 -0.37 -47.69 -4.31
C GLY A 124 -1.75 -47.55 -4.93
N VAL A 125 -1.80 -47.02 -6.15
CA VAL A 125 -3.05 -46.85 -6.86
C VAL A 125 -3.65 -48.21 -7.22
N ALA A 126 -2.79 -49.16 -7.57
CA ALA A 126 -3.22 -50.51 -7.89
C ALA A 126 -3.84 -51.16 -6.66
N GLY A 127 -3.48 -50.63 -5.48
CA GLY A 127 -4.05 -51.10 -4.23
C GLY A 127 -5.55 -50.85 -4.17
N PHE A 128 -6.00 -49.81 -4.86
CA PHE A 128 -7.43 -49.48 -4.88
C PHE A 128 -8.24 -50.46 -5.72
N THR A 129 -8.60 -51.59 -5.14
CA THR A 129 -9.34 -52.63 -5.87
C THR A 129 -10.78 -52.22 -6.17
N ASN A 130 -11.53 -51.91 -5.11
CA ASN A 130 -12.94 -51.53 -5.24
C ASN A 130 -13.15 -50.28 -6.08
N SER A 131 -12.35 -49.25 -5.84
CA SER A 131 -12.47 -48.00 -6.57
C SER A 131 -12.25 -48.19 -8.06
N LEU A 132 -11.20 -48.91 -8.41
CA LEU A 132 -10.89 -49.20 -9.81
C LEU A 132 -11.94 -50.11 -10.44
N ARG A 133 -12.51 -51.00 -9.64
CA ARG A 133 -13.57 -51.88 -10.12
C ARG A 133 -14.82 -51.07 -10.46
N MET A 134 -15.08 -50.05 -9.63
CA MET A 134 -16.22 -49.17 -9.85
C MET A 134 -16.00 -48.28 -11.06
N LEU A 135 -14.77 -47.77 -11.21
CA LEU A 135 -14.42 -46.95 -12.36
C LEU A 135 -14.48 -47.75 -13.65
N GLN A 136 -14.23 -49.05 -13.53
CA GLN A 136 -14.23 -49.93 -14.70
C GLN A 136 -15.66 -50.17 -15.20
N GLN A 137 -16.60 -50.25 -14.27
CA GLN A 137 -18.00 -50.44 -14.62
C GLN A 137 -18.70 -49.08 -14.78
N LYS A 138 -17.91 -48.03 -14.80
CA LYS A 138 -18.39 -46.66 -15.02
C LYS A 138 -19.40 -46.20 -13.96
N ARG A 139 -19.13 -46.56 -12.71
CA ARG A 139 -19.92 -46.09 -11.59
C ARG A 139 -19.17 -44.97 -10.88
N TRP A 140 -19.24 -43.78 -11.45
CA TRP A 140 -18.41 -42.65 -11.00
C TRP A 140 -18.74 -42.15 -9.61
N ASP A 141 -20.02 -42.11 -9.26
CA ASP A 141 -20.43 -41.58 -7.96
C ASP A 141 -20.09 -42.53 -6.82
N GLU A 142 -20.22 -43.83 -7.06
CA GLU A 142 -19.86 -44.82 -6.06
C GLU A 142 -18.36 -44.79 -5.80
N ALA A 143 -17.58 -44.65 -6.86
CA ALA A 143 -16.13 -44.54 -6.75
C ALA A 143 -15.76 -43.23 -6.07
N ALA A 144 -16.59 -42.20 -6.28
CA ALA A 144 -16.36 -40.91 -5.66
C ALA A 144 -16.55 -40.99 -4.15
N VAL A 145 -17.62 -41.67 -3.73
CA VAL A 145 -17.90 -41.87 -2.31
C VAL A 145 -16.83 -42.77 -1.69
N ASN A 146 -16.42 -43.80 -2.43
CA ASN A 146 -15.47 -44.78 -1.93
C ASN A 146 -14.06 -44.23 -1.76
N LEU A 147 -13.62 -43.41 -2.70
CA LEU A 147 -12.29 -42.83 -2.66
C LEU A 147 -12.12 -41.85 -1.51
N ALA A 148 -13.23 -41.33 -0.99
CA ALA A 148 -13.20 -40.37 0.10
C ALA A 148 -13.09 -41.06 1.45
N LYS A 149 -13.07 -42.39 1.43
CA LYS A 149 -12.96 -43.18 2.66
C LYS A 149 -11.56 -43.77 2.81
N SER A 150 -10.59 -43.23 2.08
CA SER A 150 -9.23 -43.74 2.11
C SER A 150 -8.32 -42.83 2.91
N ARG A 151 -7.07 -43.26 3.08
CA ARG A 151 -6.06 -42.49 3.79
C ARG A 151 -5.63 -41.31 2.92
N TRP A 152 -5.74 -41.50 1.60
CA TRP A 152 -5.39 -40.48 0.63
C TRP A 152 -6.29 -39.24 0.75
N TYR A 153 -7.54 -39.46 1.15
CA TYR A 153 -8.48 -38.37 1.32
C TYR A 153 -8.26 -37.65 2.65
N ASN A 154 -7.70 -38.36 3.62
CA ASN A 154 -7.44 -37.79 4.94
C ASN A 154 -6.13 -37.01 5.00
N GLN A 155 -5.13 -37.47 4.25
CA GLN A 155 -3.83 -36.81 4.25
C GLN A 155 -3.84 -35.53 3.41
N THR A 156 -4.39 -35.61 2.21
CA THR A 156 -4.50 -34.46 1.33
C THR A 156 -5.93 -34.27 0.84
N PRO A 157 -6.80 -33.72 1.70
CA PRO A 157 -8.23 -33.57 1.39
C PRO A 157 -8.51 -32.60 0.24
N ASN A 158 -7.83 -31.46 0.21
CA ASN A 158 -8.08 -30.45 -0.82
C ASN A 158 -7.82 -30.96 -2.23
N ARG A 159 -6.79 -31.76 -2.40
CA ARG A 159 -6.44 -32.33 -3.69
C ARG A 159 -7.33 -33.53 -4.01
N ALA A 160 -7.55 -34.36 -3.00
CA ALA A 160 -8.40 -35.54 -3.15
C ALA A 160 -9.81 -35.15 -3.60
N LYS A 161 -10.33 -34.06 -3.07
CA LYS A 161 -11.64 -33.57 -3.47
C LYS A 161 -11.68 -33.22 -4.96
N ARG A 162 -10.62 -32.58 -5.44
CA ARG A 162 -10.55 -32.17 -6.84
C ARG A 162 -10.42 -33.38 -7.78
N VAL A 163 -9.58 -34.34 -7.40
CA VAL A 163 -9.40 -35.54 -8.20
C VAL A 163 -10.68 -36.38 -8.23
N ILE A 164 -11.30 -36.55 -7.05
CA ILE A 164 -12.55 -37.28 -6.94
C ILE A 164 -13.67 -36.63 -7.74
N THR A 165 -13.76 -35.31 -7.65
CA THR A 165 -14.75 -34.55 -8.41
C THR A 165 -14.51 -34.73 -9.91
N THR A 166 -13.24 -34.74 -10.30
CA THR A 166 -12.85 -34.97 -11.69
C THR A 166 -13.28 -36.36 -12.15
N PHE A 167 -13.22 -37.32 -11.24
CA PHE A 167 -13.65 -38.69 -11.55
C PHE A 167 -15.17 -38.77 -11.68
N ARG A 168 -15.88 -38.10 -10.78
CA ARG A 168 -17.34 -38.16 -10.73
C ARG A 168 -17.99 -37.42 -11.90
N THR A 169 -17.68 -36.14 -12.03
CA THR A 169 -18.27 -35.31 -13.08
C THR A 169 -17.75 -35.70 -14.46
N GLY A 170 -16.44 -35.92 -14.55
CA GLY A 170 -15.82 -36.26 -15.82
C GLY A 170 -15.39 -35.02 -16.58
N THR A 171 -15.51 -33.87 -15.94
CA THR A 171 -15.13 -32.60 -16.54
C THR A 171 -14.04 -31.92 -15.73
N TRP A 172 -13.63 -30.73 -16.16
CA TRP A 172 -12.58 -30.00 -15.49
C TRP A 172 -13.13 -28.89 -14.59
N ASP A 173 -14.31 -29.13 -14.03
CA ASP A 173 -14.97 -28.13 -13.20
C ASP A 173 -14.14 -27.73 -11.98
N ALA A 174 -13.39 -28.68 -11.44
CA ALA A 174 -12.61 -28.44 -10.23
C ALA A 174 -11.34 -27.63 -10.51
N TYR A 175 -11.00 -27.47 -11.78
CA TYR A 175 -9.78 -26.77 -12.17
C TYR A 175 -10.04 -25.60 -13.12
N ALA A 176 -11.23 -25.57 -13.72
CA ALA A 176 -11.56 -24.52 -14.68
C ALA A 176 -11.71 -23.16 -14.01
N ALA A 177 -12.18 -23.17 -12.77
CA ALA A 177 -12.43 -21.92 -12.05
C ALA A 177 -11.12 -21.23 -11.66
N ASP A 178 -10.04 -21.99 -11.59
CA ASP A 178 -8.74 -21.45 -11.19
C ASP A 178 -8.20 -20.45 -12.20
N GLU A 179 -8.56 -20.63 -13.47
CA GLU A 179 -8.06 -19.77 -14.54
C GLU A 179 -8.80 -18.43 -14.58
N VAL A 180 -10.03 -18.43 -14.06
CA VAL A 180 -10.85 -17.23 -14.06
C VAL A 180 -10.27 -16.14 -13.15
N TRP A 181 -9.73 -16.56 -12.02
CA TRP A 181 -9.19 -15.63 -11.03
C TRP A 181 -7.97 -14.87 -11.53
N VAL A 182 -7.30 -15.41 -12.55
CA VAL A 182 -6.15 -14.76 -13.15
C VAL A 182 -6.52 -13.43 -13.80
N VAL A 183 -7.40 -13.50 -14.80
CA VAL A 183 -7.91 -12.30 -15.44
C VAL A 183 -8.74 -11.49 -14.44
N GLY A 184 -9.41 -12.21 -13.55
CA GLY A 184 -10.24 -11.60 -12.52
C GLY A 184 -9.47 -10.65 -11.62
N MET A 185 -8.22 -10.98 -11.34
CA MET A 185 -7.36 -10.11 -10.53
C MET A 185 -6.57 -9.17 -11.44
N GLY A 186 -6.41 -9.57 -12.69
CA GLY A 186 -5.72 -8.74 -13.67
C GLY A 186 -6.46 -7.43 -13.90
N ILE A 187 -7.77 -7.53 -14.08
CA ILE A 187 -8.58 -6.32 -14.26
C ILE A 187 -8.56 -5.46 -13.01
N VAL A 188 -8.42 -6.09 -11.85
CA VAL A 188 -8.30 -5.38 -10.59
C VAL A 188 -7.02 -4.57 -10.56
N MET A 189 -5.92 -5.20 -10.97
CA MET A 189 -4.63 -4.51 -11.07
C MET A 189 -4.73 -3.35 -12.04
N SER A 190 -5.44 -3.56 -13.15
CA SER A 190 -5.67 -2.51 -14.13
C SER A 190 -6.38 -1.32 -13.49
N LEU A 191 -7.44 -1.62 -12.72
CA LEU A 191 -8.18 -0.58 -12.01
C LEU A 191 -7.29 0.16 -11.03
N ILE A 192 -6.38 -0.58 -10.39
CA ILE A 192 -5.45 0.03 -9.45
C ILE A 192 -4.53 1.02 -10.16
N VAL A 193 -3.93 0.59 -11.26
CA VAL A 193 -3.05 1.47 -12.05
C VAL A 193 -3.80 2.71 -12.52
N LEU A 194 -4.98 2.51 -13.08
CA LEU A 194 -5.82 3.61 -13.55
C LEU A 194 -6.13 4.61 -12.44
N ALA A 195 -6.54 4.09 -11.28
CA ALA A 195 -6.88 4.93 -10.14
C ALA A 195 -5.69 5.74 -9.64
N ILE A 196 -4.56 5.06 -9.44
CA ILE A 196 -3.34 5.71 -8.97
C ILE A 196 -2.86 6.81 -9.92
N VAL A 197 -2.68 6.44 -11.18
CA VAL A 197 -2.24 7.39 -12.20
C VAL A 197 -3.18 8.58 -12.31
N PHE A 198 -4.47 8.32 -12.51
CA PHE A 198 -5.46 9.38 -12.66
C PHE A 198 -5.45 10.32 -11.44
N GLY A 199 -5.54 9.74 -10.26
CA GLY A 199 -5.58 10.51 -9.03
C GLY A 199 -4.36 11.40 -8.82
N ASN A 200 -3.17 10.81 -8.91
CA ASN A 200 -1.95 11.56 -8.68
C ASN A 200 -1.65 12.60 -9.76
N VAL A 201 -1.95 12.27 -11.01
CA VAL A 201 -1.82 13.23 -12.10
C VAL A 201 -2.77 14.41 -11.85
N LEU A 202 -3.97 14.09 -11.38
CA LEU A 202 -4.95 15.13 -11.04
C LEU A 202 -4.41 16.04 -9.94
N VAL A 203 -3.82 15.44 -8.91
CA VAL A 203 -3.26 16.22 -7.79
C VAL A 203 -2.13 17.14 -8.25
N ILE A 204 -1.14 16.57 -8.93
CA ILE A 204 0.01 17.33 -9.43
C ILE A 204 -0.44 18.46 -10.36
N THR A 205 -1.40 18.17 -11.23
CA THR A 205 -1.92 19.17 -12.13
C THR A 205 -2.61 20.30 -11.35
N ALA A 206 -3.38 19.90 -10.33
CA ALA A 206 -4.09 20.87 -9.50
C ALA A 206 -3.14 21.82 -8.78
N ILE A 207 -2.10 21.26 -8.16
CA ILE A 207 -1.13 22.08 -7.44
C ILE A 207 -0.29 22.95 -8.38
N ALA A 208 0.09 22.40 -9.52
CA ALA A 208 0.96 23.11 -10.46
C ALA A 208 0.24 24.24 -11.19
N LYS A 209 -1.02 24.01 -11.56
CA LYS A 209 -1.78 24.99 -12.34
C LYS A 209 -2.30 26.15 -11.51
N PHE A 210 -2.93 25.85 -10.38
CA PHE A 210 -3.53 26.86 -9.52
C PHE A 210 -2.50 27.54 -8.62
N GLU A 211 -2.68 28.84 -8.40
CA GLU A 211 -1.75 29.62 -7.59
C GLU A 211 -2.16 29.68 -6.13
N ARG A 212 -3.41 29.31 -5.86
CA ARG A 212 -3.93 29.31 -4.49
C ARG A 212 -3.57 28.02 -3.76
N LEU A 213 -2.98 27.08 -4.48
CA LEU A 213 -2.55 25.81 -3.90
C LEU A 213 -1.04 25.76 -3.75
N GLN A 214 -0.41 26.93 -3.68
CA GLN A 214 1.04 27.02 -3.57
C GLN A 214 1.48 27.18 -2.12
N THR A 215 1.18 26.17 -1.29
CA THR A 215 1.58 26.19 0.10
C THR A 215 2.57 25.07 0.41
N VAL A 216 3.30 25.22 1.52
CA VAL A 216 4.33 24.26 1.91
C VAL A 216 3.77 22.85 2.06
N THR A 217 2.63 22.73 2.73
CA THR A 217 1.94 21.46 2.87
C THR A 217 1.69 20.86 1.50
N ASN A 218 1.20 21.69 0.58
CA ASN A 218 0.96 21.26 -0.79
C ASN A 218 2.26 20.99 -1.56
N TYR A 219 3.34 21.63 -1.13
CA TYR A 219 4.66 21.36 -1.70
C TYR A 219 5.09 19.94 -1.33
N PHE A 220 4.69 19.49 -0.14
CA PHE A 220 4.97 18.11 0.26
C PHE A 220 4.01 17.15 -0.44
N ILE A 221 2.74 17.56 -0.54
CA ILE A 221 1.73 16.78 -1.24
C ILE A 221 2.17 16.51 -2.68
N THR A 222 2.83 17.49 -3.29
CA THR A 222 3.35 17.35 -4.64
C THR A 222 4.36 16.21 -4.70
N SER A 223 5.24 16.15 -3.70
CA SER A 223 6.25 15.10 -3.62
C SER A 223 5.61 13.72 -3.46
N LEU A 224 4.66 13.63 -2.53
CA LEU A 224 3.93 12.39 -2.31
C LEU A 224 3.23 11.91 -3.57
N ALA A 225 2.57 12.84 -4.26
CA ALA A 225 1.85 12.53 -5.48
C ALA A 225 2.80 12.15 -6.61
N CYS A 226 4.02 12.67 -6.56
CA CYS A 226 5.05 12.30 -7.54
C CYS A 226 5.51 10.87 -7.31
N ALA A 227 5.81 10.54 -6.05
CA ALA A 227 6.22 9.19 -5.69
C ALA A 227 5.14 8.19 -6.07
N ASP A 228 3.89 8.51 -5.77
CA ASP A 228 2.77 7.64 -6.11
C ASP A 228 2.53 7.58 -7.62
N LEU A 229 2.88 8.65 -8.33
CA LEU A 229 2.74 8.67 -9.77
C LEU A 229 3.73 7.72 -10.42
N VAL A 230 4.99 7.82 -10.03
CA VAL A 230 6.02 6.91 -10.54
C VAL A 230 5.73 5.49 -10.07
N MET A 231 5.03 5.38 -8.94
CA MET A 231 4.55 4.08 -8.47
C MET A 231 3.56 3.47 -9.45
N GLY A 232 2.54 4.25 -9.82
CA GLY A 232 1.49 3.78 -10.71
C GLY A 232 1.91 3.64 -12.16
N LEU A 233 2.99 4.31 -12.55
CA LEU A 233 3.44 4.29 -13.94
C LEU A 233 4.48 3.21 -14.20
N ALA A 234 5.39 3.02 -13.26
CA ALA A 234 6.51 2.09 -13.46
C ALA A 234 6.37 0.81 -12.64
N VAL A 235 6.26 0.95 -11.33
CA VAL A 235 6.27 -0.18 -10.42
C VAL A 235 5.09 -1.13 -10.61
N VAL A 236 3.89 -0.61 -10.38
CA VAL A 236 2.67 -1.42 -10.42
C VAL A 236 2.36 -2.12 -11.76
N PRO A 237 2.47 -1.40 -12.90
CA PRO A 237 2.18 -2.11 -14.15
C PRO A 237 3.17 -3.23 -14.44
N PHE A 238 4.46 -2.96 -14.30
CA PHE A 238 5.49 -3.96 -14.56
C PHE A 238 5.40 -5.13 -13.59
N GLY A 239 4.96 -4.84 -12.37
CA GLY A 239 4.74 -5.89 -11.38
C GLY A 239 3.56 -6.76 -11.79
N ALA A 240 2.51 -6.13 -12.29
CA ALA A 240 1.33 -6.84 -12.75
C ALA A 240 1.69 -7.75 -13.91
N ALA A 241 2.48 -7.22 -14.84
CA ALA A 241 2.94 -8.00 -15.98
C ALA A 241 3.81 -9.17 -15.54
N HIS A 242 4.63 -8.92 -14.52
CA HIS A 242 5.52 -9.95 -13.97
C HIS A 242 4.72 -11.08 -13.35
N ILE A 243 3.66 -10.74 -12.62
CA ILE A 243 2.84 -11.74 -11.96
C ILE A 243 1.99 -12.53 -12.94
N LEU A 244 1.31 -11.81 -13.83
CA LEU A 244 0.40 -12.43 -14.79
C LEU A 244 1.12 -13.35 -15.77
N THR A 245 2.24 -12.87 -16.32
CA THR A 245 2.98 -13.63 -17.33
C THR A 245 3.94 -14.66 -16.71
N LYS A 246 3.86 -14.81 -15.40
CA LYS A 246 4.63 -15.82 -14.66
C LYS A 246 6.15 -15.61 -14.66
N THR A 247 6.66 -14.86 -15.64
CA THR A 247 8.10 -14.64 -15.75
C THR A 247 8.45 -13.15 -15.88
N TRP A 248 9.68 -12.88 -16.31
CA TRP A 248 10.15 -11.52 -16.52
C TRP A 248 10.84 -11.38 -17.87
N THR A 249 10.34 -10.48 -18.71
CA THR A 249 10.84 -10.34 -20.07
C THR A 249 11.45 -8.96 -20.34
N PHE A 250 12.42 -8.57 -19.52
CA PHE A 250 13.08 -7.28 -19.70
C PHE A 250 14.56 -7.33 -19.33
N GLY A 251 14.99 -8.45 -18.76
CA GLY A 251 16.39 -8.63 -18.42
C GLY A 251 16.71 -8.28 -16.98
N ASN A 252 17.89 -8.72 -16.52
CA ASN A 252 18.33 -8.48 -15.15
C ASN A 252 18.52 -7.01 -14.84
N PHE A 253 19.06 -6.26 -15.80
CA PHE A 253 19.30 -4.84 -15.61
C PHE A 253 18.01 -4.09 -15.32
N TRP A 254 17.01 -4.28 -16.18
CA TRP A 254 15.72 -3.63 -15.99
C TRP A 254 14.94 -4.23 -14.83
N CYS A 255 15.29 -5.46 -14.46
CA CYS A 255 14.71 -6.09 -13.28
C CYS A 255 15.14 -5.33 -12.02
N GLU A 256 16.45 -5.23 -11.81
CA GLU A 256 16.99 -4.54 -10.64
C GLU A 256 16.70 -3.06 -10.69
N PHE A 257 16.57 -2.51 -11.90
CA PHE A 257 16.21 -1.11 -12.06
C PHE A 257 14.78 -0.89 -11.59
N TRP A 258 13.88 -1.80 -11.99
CA TRP A 258 12.50 -1.76 -11.57
C TRP A 258 12.38 -1.91 -10.05
N THR A 259 13.19 -2.79 -9.49
CA THR A 259 13.23 -2.98 -8.03
C THR A 259 13.68 -1.70 -7.35
N SER A 260 14.68 -1.05 -7.95
CA SER A 260 15.21 0.21 -7.44
C SER A 260 14.12 1.29 -7.43
N ILE A 261 13.37 1.37 -8.53
CA ILE A 261 12.26 2.31 -8.62
C ILE A 261 11.22 2.01 -7.55
N ASP A 262 10.95 0.72 -7.34
CA ASP A 262 10.01 0.27 -6.31
C ASP A 262 10.42 0.80 -4.94
N VAL A 263 11.59 0.41 -4.48
CA VAL A 263 12.09 0.82 -3.16
C VAL A 263 12.14 2.33 -3.02
N LEU A 264 12.70 3.00 -4.03
CA LEU A 264 12.80 4.46 -4.04
C LEU A 264 11.44 5.13 -3.85
N CYS A 265 10.46 4.70 -4.65
CA CYS A 265 9.12 5.29 -4.60
C CYS A 265 8.41 5.02 -3.29
N VAL A 266 8.49 3.80 -2.78
CA VAL A 266 7.84 3.47 -1.51
C VAL A 266 8.45 4.29 -0.37
N THR A 267 9.78 4.29 -0.31
CA THR A 267 10.50 5.04 0.73
C THR A 267 10.17 6.53 0.67
N ALA A 268 10.27 7.12 -0.52
CA ALA A 268 9.96 8.53 -0.71
C ALA A 268 8.53 8.85 -0.31
N SER A 269 7.61 7.98 -0.70
CA SER A 269 6.19 8.15 -0.35
C SER A 269 5.98 8.18 1.16
N ILE A 270 6.43 7.14 1.85
CA ILE A 270 6.20 7.03 3.29
C ILE A 270 6.91 8.14 4.08
N GLU A 271 8.17 8.41 3.72
CA GLU A 271 8.91 9.48 4.38
C GLU A 271 8.27 10.83 4.13
N THR A 272 7.70 11.03 2.95
CA THR A 272 6.96 12.25 2.66
C THR A 272 5.71 12.33 3.52
N LEU A 273 5.07 11.19 3.76
CA LEU A 273 3.94 11.14 4.68
C LEU A 273 4.35 11.61 6.07
N CYS A 274 5.52 11.14 6.51
CA CYS A 274 6.08 11.55 7.79
C CYS A 274 6.34 13.06 7.85
N VAL A 275 6.99 13.58 6.81
CA VAL A 275 7.26 15.01 6.69
C VAL A 275 5.97 15.83 6.72
N ILE A 276 4.93 15.33 6.08
CA ILE A 276 3.63 15.98 6.09
C ILE A 276 3.06 15.99 7.50
N ALA A 277 3.18 14.87 8.21
CA ALA A 277 2.70 14.79 9.58
C ALA A 277 3.37 15.84 10.47
N VAL A 278 4.70 15.88 10.42
CA VAL A 278 5.46 16.86 11.20
C VAL A 278 5.08 18.30 10.81
N ASP A 279 5.00 18.53 9.50
CA ASP A 279 4.62 19.82 8.94
C ASP A 279 3.29 20.31 9.52
N ARG A 280 2.29 19.43 9.50
CA ARG A 280 0.98 19.78 10.03
C ARG A 280 1.02 19.97 11.54
N TYR A 281 1.89 19.22 12.21
CA TYR A 281 2.06 19.40 13.65
C TYR A 281 2.53 20.80 13.97
N PHE A 282 3.58 21.25 13.28
CA PHE A 282 4.10 22.60 13.50
C PHE A 282 3.14 23.68 13.01
N ALA A 283 2.36 23.35 11.98
CA ALA A 283 1.42 24.30 11.41
C ALA A 283 0.22 24.51 12.35
N ILE A 284 -0.12 23.49 13.12
CA ILE A 284 -1.28 23.55 14.00
C ILE A 284 -0.91 24.01 15.42
N THR A 285 0.15 23.41 15.97
CA THR A 285 0.57 23.71 17.34
C THR A 285 1.16 25.11 17.47
N SER A 286 2.15 25.43 16.62
CA SER A 286 2.78 26.74 16.64
C SER A 286 2.83 27.33 15.24
N PRO A 287 1.71 27.90 14.78
CA PRO A 287 1.55 28.36 13.40
C PRO A 287 2.37 29.60 13.06
N PHE A 288 2.53 30.51 14.02
CA PHE A 288 3.25 31.75 13.80
C PHE A 288 4.74 31.50 13.58
N LYS A 289 5.27 30.50 14.26
CA LYS A 289 6.66 30.09 14.07
C LYS A 289 6.80 29.26 12.80
N TYR A 290 5.78 28.46 12.52
CA TYR A 290 5.76 27.59 11.34
C TYR A 290 5.80 28.41 10.05
N GLN A 291 5.06 29.51 10.03
CA GLN A 291 4.97 30.34 8.84
C GLN A 291 6.27 31.09 8.57
N SER A 292 6.95 31.50 9.64
CA SER A 292 8.16 32.30 9.51
C SER A 292 9.40 31.44 9.23
N LEU A 293 9.52 30.33 9.96
CA LEU A 293 10.68 29.45 9.85
C LEU A 293 10.68 28.64 8.56
N LEU A 294 9.67 27.78 8.41
CA LEU A 294 9.59 26.90 7.25
C LEU A 294 9.16 27.66 6.00
N THR A 295 10.14 28.01 5.17
CA THR A 295 9.86 28.68 3.89
C THR A 295 9.66 27.64 2.80
N LYS A 296 9.54 28.11 1.56
CA LYS A 296 9.38 27.20 0.43
C LYS A 296 10.72 26.59 0.02
N ASN A 297 11.77 27.40 0.11
CA ASN A 297 13.12 26.92 -0.20
C ASN A 297 13.57 25.83 0.77
N LYS A 298 13.37 26.07 2.06
CA LYS A 298 13.70 25.09 3.09
C LYS A 298 12.89 23.81 2.92
N ALA A 299 11.64 23.96 2.52
CA ALA A 299 10.77 22.80 2.28
C ALA A 299 11.27 21.99 1.09
N ARG A 300 11.71 22.69 0.05
CA ARG A 300 12.27 22.02 -1.13
C ARG A 300 13.58 21.33 -0.78
N VAL A 301 14.31 21.90 0.17
CA VAL A 301 15.53 21.27 0.68
C VAL A 301 15.17 19.99 1.43
N ILE A 302 14.10 20.04 2.22
CA ILE A 302 13.59 18.86 2.92
C ILE A 302 13.21 17.77 1.93
N ILE A 303 12.48 18.14 0.88
CA ILE A 303 12.09 17.20 -0.17
C ILE A 303 13.31 16.57 -0.83
N LEU A 304 14.29 17.40 -1.18
CA LEU A 304 15.53 16.94 -1.77
C LEU A 304 16.24 15.93 -0.87
N MET A 305 16.28 16.23 0.42
CA MET A 305 16.91 15.35 1.40
C MET A 305 16.18 14.02 1.51
N VAL A 306 14.85 14.06 1.50
CA VAL A 306 14.05 12.85 1.56
C VAL A 306 14.29 11.97 0.33
N TRP A 307 14.30 12.57 -0.84
CA TRP A 307 14.57 11.82 -2.06
C TRP A 307 16.00 11.29 -2.12
N ILE A 308 16.93 12.01 -1.46
CA ILE A 308 18.31 11.55 -1.38
C ILE A 308 18.43 10.32 -0.47
N VAL A 309 17.80 10.39 0.70
CA VAL A 309 17.76 9.27 1.62
C VAL A 309 17.10 8.05 0.98
N SER A 310 16.01 8.31 0.25
CA SER A 310 15.30 7.25 -0.45
C SER A 310 16.16 6.64 -1.56
N GLY A 311 16.96 7.50 -2.20
CA GLY A 311 17.85 7.04 -3.26
C GLY A 311 19.00 6.21 -2.70
N LEU A 312 19.43 6.54 -1.49
CA LEU A 312 20.52 5.84 -0.85
C LEU A 312 20.12 4.45 -0.36
N THR A 313 18.81 4.24 -0.20
CA THR A 313 18.31 2.95 0.27
C THR A 313 17.69 2.15 -0.86
N SER A 314 17.76 2.67 -2.08
CA SER A 314 17.17 2.02 -3.24
C SER A 314 18.21 1.72 -4.32
N PHE A 315 18.55 2.74 -5.10
CA PHE A 315 19.47 2.56 -6.22
C PHE A 315 20.89 2.22 -5.77
N LEU A 316 21.34 2.86 -4.70
CA LEU A 316 22.69 2.65 -4.20
C LEU A 316 23.01 1.20 -3.80
N PRO A 317 22.17 0.58 -2.94
CA PRO A 317 22.53 -0.79 -2.58
C PRO A 317 22.23 -1.79 -3.69
N ILE A 318 21.19 -1.53 -4.47
CA ILE A 318 20.74 -2.47 -5.50
C ILE A 318 21.65 -2.51 -6.72
N GLN A 319 21.96 -1.34 -7.29
CA GLN A 319 22.82 -1.26 -8.46
C GLN A 319 24.23 -1.75 -8.15
N MET A 320 24.63 -1.63 -6.89
CA MET A 320 25.94 -2.09 -6.44
C MET A 320 25.89 -3.54 -5.96
N HIS A 321 24.73 -4.17 -6.11
CA HIS A 321 24.52 -5.57 -5.74
C HIS A 321 24.78 -5.86 -4.25
N TRP A 322 24.67 -4.83 -3.42
CA TRP A 322 24.85 -4.99 -1.98
C TRP A 322 23.64 -5.66 -1.35
N TYR A 323 22.48 -5.47 -1.96
CA TYR A 323 21.22 -6.02 -1.46
C TYR A 323 21.14 -7.53 -1.70
N ARG A 324 21.98 -8.02 -2.61
CA ARG A 324 21.90 -9.41 -3.06
C ARG A 324 22.13 -10.42 -1.93
N ALA A 325 21.50 -11.58 -2.07
CA ALA A 325 21.65 -12.65 -1.09
C ALA A 325 22.83 -13.54 -1.45
N THR A 326 22.97 -14.65 -0.75
CA THR A 326 24.13 -15.53 -0.95
C THR A 326 23.72 -16.97 -1.23
N HIS A 327 22.47 -17.32 -0.94
CA HIS A 327 22.01 -18.70 -1.12
C HIS A 327 21.89 -19.07 -2.59
N GLN A 328 21.81 -20.37 -2.86
CA GLN A 328 21.88 -20.89 -4.23
C GLN A 328 20.74 -20.41 -5.12
N GLU A 329 19.52 -20.41 -4.59
CA GLU A 329 18.35 -19.99 -5.36
C GLU A 329 18.48 -18.53 -5.81
N ALA A 330 19.00 -17.70 -4.92
CA ALA A 330 19.24 -16.29 -5.23
C ALA A 330 20.25 -16.14 -6.35
N ILE A 331 21.34 -16.89 -6.27
CA ILE A 331 22.37 -16.88 -7.31
C ILE A 331 21.79 -17.30 -8.66
N ASN A 332 20.99 -18.36 -8.64
CA ASN A 332 20.35 -18.86 -9.85
C ASN A 332 19.40 -17.83 -10.46
N CYS A 333 18.62 -17.17 -9.62
CA CYS A 333 17.67 -16.15 -10.09
C CYS A 333 18.38 -14.92 -10.63
N TYR A 334 19.50 -14.57 -10.02
CA TYR A 334 20.30 -13.44 -10.49
C TYR A 334 20.93 -13.78 -11.84
N ALA A 335 21.33 -15.04 -11.99
CA ALA A 335 21.92 -15.50 -13.25
C ALA A 335 20.87 -15.61 -14.34
N GLU A 336 19.68 -16.05 -13.96
CA GLU A 336 18.57 -16.21 -14.91
C GLU A 336 18.06 -14.85 -15.41
N GLU A 337 18.00 -14.70 -16.73
CA GLU A 337 17.53 -13.45 -17.33
C GLU A 337 16.01 -13.30 -17.24
N THR A 338 15.32 -14.41 -17.02
CA THR A 338 13.87 -14.38 -16.95
C THR A 338 13.36 -14.37 -15.51
N CYS A 339 14.28 -14.48 -14.56
CA CYS A 339 13.91 -14.42 -13.15
C CYS A 339 14.09 -13.02 -12.60
N CYS A 340 13.11 -12.55 -11.85
CA CYS A 340 13.20 -11.26 -11.18
C CYS A 340 12.60 -11.35 -9.78
N ASP A 341 12.74 -12.52 -9.17
CA ASP A 341 12.28 -12.72 -7.80
C ASP A 341 13.14 -11.89 -6.85
N PHE A 342 12.58 -11.53 -5.70
CA PHE A 342 13.25 -10.62 -4.78
C PHE A 342 13.93 -11.37 -3.64
N PHE A 343 15.26 -11.35 -3.64
CA PHE A 343 16.05 -11.99 -2.58
C PHE A 343 17.00 -10.99 -1.94
N THR A 344 16.96 -10.89 -0.62
CA THR A 344 17.86 -10.00 0.11
C THR A 344 18.42 -10.64 1.37
N ASN A 345 19.46 -10.03 1.93
CA ASN A 345 20.03 -10.47 3.20
C ASN A 345 19.34 -9.79 4.37
N GLN A 346 19.71 -10.17 5.59
CA GLN A 346 19.09 -9.59 6.79
C GLN A 346 19.43 -8.11 6.92
N ALA A 347 20.66 -7.76 6.59
CA ALA A 347 21.13 -6.38 6.71
C ALA A 347 20.28 -5.41 5.89
N TYR A 348 20.18 -5.66 4.59
CA TYR A 348 19.42 -4.77 3.72
C TYR A 348 17.93 -4.78 4.03
N ALA A 349 17.39 -5.94 4.38
CA ALA A 349 15.98 -6.05 4.71
C ALA A 349 15.65 -5.21 5.94
N ILE A 350 16.42 -5.40 7.00
CA ILE A 350 16.22 -4.65 8.24
C ILE A 350 16.44 -3.15 8.06
N ALA A 351 17.55 -2.79 7.43
CA ALA A 351 17.87 -1.38 7.20
C ALA A 351 16.79 -0.68 6.38
N SER A 352 16.42 -1.29 5.25
CA SER A 352 15.41 -0.70 4.37
C SER A 352 14.04 -0.64 5.03
N SER A 353 13.72 -1.65 5.83
CA SER A 353 12.43 -1.65 6.53
C SER A 353 12.39 -0.55 7.58
N ILE A 354 13.50 -0.35 8.27
CA ILE A 354 13.58 0.67 9.31
C ILE A 354 13.53 2.08 8.72
N VAL A 355 14.30 2.30 7.67
CA VAL A 355 14.35 3.61 7.02
C VAL A 355 13.05 3.95 6.29
N SER A 356 12.54 3.02 5.50
CA SER A 356 11.37 3.28 4.67
C SER A 356 10.06 3.36 5.46
N PHE A 357 9.90 2.52 6.48
CA PHE A 357 8.61 2.40 7.17
C PHE A 357 8.64 2.66 8.67
N TYR A 358 9.47 1.91 9.39
CA TYR A 358 9.43 1.90 10.86
C TYR A 358 9.71 3.24 11.53
N VAL A 359 10.76 3.93 11.10
CA VAL A 359 11.06 5.27 11.62
C VAL A 359 9.95 6.29 11.29
N PRO A 360 9.53 6.38 10.01
CA PRO A 360 8.39 7.26 9.71
C PRO A 360 7.13 6.87 10.48
N LEU A 361 6.93 5.58 10.69
CA LEU A 361 5.81 5.10 11.50
C LEU A 361 5.87 5.68 12.92
N VAL A 362 7.02 5.50 13.57
CA VAL A 362 7.20 5.98 14.93
C VAL A 362 7.00 7.50 15.02
N ILE A 363 7.64 8.23 14.11
CA ILE A 363 7.52 9.68 14.09
C ILE A 363 6.07 10.14 13.88
N MET A 364 5.37 9.52 12.94
CA MET A 364 3.98 9.85 12.67
C MET A 364 3.07 9.58 13.87
N VAL A 365 3.23 8.42 14.48
CA VAL A 365 2.47 8.06 15.67
C VAL A 365 2.71 9.07 16.79
N PHE A 366 3.98 9.35 17.06
CA PHE A 366 4.36 10.30 18.11
C PHE A 366 3.78 11.69 17.85
N VAL A 367 3.90 12.17 16.62
CA VAL A 367 3.43 13.49 16.24
C VAL A 367 1.90 13.62 16.35
N TYR A 368 1.17 12.68 15.76
CA TYR A 368 -0.29 12.72 15.80
C TYR A 368 -0.81 12.54 17.22
N SER A 369 -0.10 11.74 18.02
CA SER A 369 -0.42 11.60 19.43
C SER A 369 -0.21 12.92 20.16
N ARG A 370 0.85 13.63 19.78
CA ARG A 370 1.13 14.94 20.35
C ARG A 370 0.03 15.94 20.02
N VAL A 371 -0.48 15.87 18.80
CA VAL A 371 -1.60 16.73 18.40
C VAL A 371 -2.85 16.39 19.21
N PHE A 372 -3.22 15.11 19.22
CA PHE A 372 -4.41 14.66 19.93
C PHE A 372 -4.36 14.96 21.42
N GLN A 373 -3.14 14.98 21.98
CA GLN A 373 -2.96 15.22 23.40
C GLN A 373 -2.92 16.72 23.73
N GLU A 374 -2.32 17.51 22.83
CA GLU A 374 -2.18 18.94 23.05
C GLU A 374 -3.49 19.67 22.73
N ALA A 375 -4.35 19.03 21.97
CA ALA A 375 -5.67 19.60 21.67
C ALA A 375 -6.56 19.59 22.91
N LYS A 376 -6.19 18.76 23.90
CA LYS A 376 -6.99 18.61 25.10
C LYS A 376 -6.51 19.51 26.25
N ARG A 377 -5.51 20.35 25.96
CA ARG A 377 -4.95 21.22 26.98
C ARG A 377 -4.85 22.68 26.51
N GLN A 378 -5.78 23.09 25.66
CA GLN A 378 -5.80 24.46 25.17
C GLN A 378 -6.57 25.37 26.13
N LEU A 379 -6.87 26.59 25.69
CA LEU A 379 -7.58 27.55 26.52
C LEU A 379 -9.08 27.32 26.47
N GLN A 380 -9.51 26.10 26.75
CA GLN A 380 -10.93 25.74 26.71
C GLN A 380 -11.34 24.96 27.95
N LYS A 384 -16.48 20.63 26.31
CA LYS A 384 -17.86 20.24 26.54
C LYS A 384 -18.22 18.98 25.77
N PHE A 385 -17.20 18.33 25.24
CA PHE A 385 -17.36 17.10 24.45
C PHE A 385 -18.34 17.28 23.29
N ALA A 386 -17.96 18.09 22.31
CA ALA A 386 -18.81 18.38 21.16
C ALA A 386 -18.58 17.39 20.02
N LEU A 387 -18.98 17.79 18.82
CA LEU A 387 -18.92 16.92 17.66
C LEU A 387 -17.68 17.18 16.80
N LYS A 388 -17.06 18.34 16.97
CA LYS A 388 -15.92 18.73 16.17
C LYS A 388 -14.69 17.87 16.49
N GLU A 389 -14.46 17.64 17.77
CA GLU A 389 -13.34 16.81 18.22
C GLU A 389 -13.50 15.37 17.76
N HIS A 390 -14.74 14.88 17.75
CA HIS A 390 -15.05 13.54 17.26
C HIS A 390 -14.70 13.45 15.77
N LYS A 391 -15.09 14.47 15.02
CA LYS A 391 -14.84 14.50 13.58
C LYS A 391 -13.35 14.54 13.27
N ALA A 392 -12.62 15.35 14.03
CA ALA A 392 -11.17 15.45 13.89
C ALA A 392 -10.48 14.13 14.22
N LEU A 393 -10.97 13.48 15.29
CA LEU A 393 -10.42 12.20 15.73
C LEU A 393 -10.66 11.13 14.68
N LYS A 394 -11.81 11.19 14.03
CA LYS A 394 -12.14 10.27 12.94
C LYS A 394 -11.23 10.54 11.74
N THR A 395 -10.96 11.82 11.49
CA THR A 395 -10.09 12.22 10.40
C THR A 395 -8.69 11.63 10.57
N LEU A 396 -8.08 11.88 11.73
CA LEU A 396 -6.75 11.33 11.99
C LEU A 396 -6.80 9.80 12.07
N GLY A 397 -7.94 9.27 12.46
CA GLY A 397 -8.15 7.83 12.48
C GLY A 397 -8.08 7.25 11.08
N ILE A 398 -8.56 8.00 10.10
CA ILE A 398 -8.46 7.60 8.71
C ILE A 398 -7.03 7.77 8.21
N ILE A 399 -6.44 8.91 8.53
CA ILE A 399 -5.08 9.25 8.09
C ILE A 399 -4.06 8.21 8.52
N MET A 400 -4.08 7.83 9.78
CA MET A 400 -3.13 6.85 10.31
C MET A 400 -3.62 5.43 10.06
N GLY A 401 -4.93 5.25 10.09
CA GLY A 401 -5.54 3.95 9.90
C GLY A 401 -5.27 3.35 8.53
N THR A 402 -5.44 4.15 7.49
CA THR A 402 -5.21 3.67 6.13
C THR A 402 -3.75 3.30 5.92
N PHE A 403 -2.86 4.20 6.32
CA PHE A 403 -1.42 3.98 6.21
C PHE A 403 -0.99 2.70 6.93
N THR A 404 -1.44 2.54 8.17
CA THR A 404 -1.11 1.37 8.96
C THR A 404 -1.66 0.09 8.31
N LEU A 405 -2.95 0.10 8.01
CA LEU A 405 -3.61 -1.06 7.43
C LEU A 405 -2.98 -1.49 6.11
N CYS A 406 -2.45 -0.53 5.36
CA CYS A 406 -1.88 -0.82 4.06
C CYS A 406 -0.40 -1.23 4.09
N TRP A 407 0.40 -0.58 4.92
CA TRP A 407 1.84 -0.81 4.90
C TRP A 407 2.42 -1.64 6.05
N LEU A 408 1.73 -1.67 7.19
CA LEU A 408 2.22 -2.45 8.33
C LEU A 408 2.31 -3.96 8.09
N PRO A 409 1.25 -4.59 7.55
CA PRO A 409 1.33 -6.05 7.38
C PRO A 409 2.49 -6.51 6.50
N PHE A 410 2.93 -5.66 5.58
CA PHE A 410 4.03 -6.03 4.69
C PHE A 410 5.38 -5.96 5.37
N PHE A 411 5.69 -4.81 5.98
CA PHE A 411 6.98 -4.62 6.61
C PHE A 411 7.21 -5.50 7.83
N ILE A 412 6.11 -5.98 8.41
CA ILE A 412 6.21 -7.00 9.46
C ILE A 412 6.65 -8.30 8.81
N VAL A 413 5.95 -8.69 7.75
CA VAL A 413 6.28 -9.90 6.99
C VAL A 413 7.68 -9.80 6.38
N ASN A 414 8.01 -8.61 5.87
CA ASN A 414 9.32 -8.38 5.26
C ASN A 414 10.45 -8.55 6.26
N ILE A 415 10.14 -8.40 7.53
CA ILE A 415 11.15 -8.49 8.58
C ILE A 415 11.19 -9.89 9.21
N VAL A 416 10.12 -10.66 9.01
CA VAL A 416 10.04 -12.01 9.56
C VAL A 416 10.54 -13.05 8.56
N HIS A 417 10.22 -12.83 7.29
CA HIS A 417 10.60 -13.77 6.23
C HIS A 417 12.12 -13.78 6.01
N VAL A 418 12.82 -12.85 6.65
CA VAL A 418 14.26 -12.76 6.55
C VAL A 418 14.94 -13.37 7.78
N ILE A 419 14.15 -13.57 8.84
CA ILE A 419 14.66 -14.20 10.05
C ILE A 419 14.51 -15.71 9.99
N GLN A 420 13.27 -16.20 10.14
CA GLN A 420 13.00 -17.62 10.04
C GLN A 420 12.61 -17.97 8.60
N ASP A 421 13.40 -18.83 7.98
CA ASP A 421 13.22 -19.19 6.58
C ASP A 421 11.92 -19.97 6.35
N ASN A 422 11.21 -19.61 5.28
CA ASN A 422 9.98 -20.28 4.87
C ASN A 422 8.91 -20.33 5.96
N LEU A 423 8.49 -19.15 6.42
CA LEU A 423 7.39 -19.03 7.35
C LEU A 423 6.24 -18.29 6.66
N ILE A 424 6.60 -17.47 5.67
CA ILE A 424 5.62 -16.73 4.89
C ILE A 424 5.69 -17.15 3.43
N ARG A 425 4.59 -17.70 2.93
CA ARG A 425 4.49 -18.10 1.53
C ARG A 425 4.61 -16.87 0.62
N LYS A 426 5.16 -17.06 -0.57
CA LYS A 426 5.43 -15.96 -1.49
C LYS A 426 4.15 -15.21 -1.90
N GLU A 427 3.06 -15.95 -2.03
CA GLU A 427 1.77 -15.37 -2.40
C GLU A 427 1.36 -14.28 -1.41
N VAL A 428 1.50 -14.57 -0.13
CA VAL A 428 1.15 -13.62 0.93
C VAL A 428 2.06 -12.39 0.89
N TYR A 429 3.35 -12.63 0.67
CA TYR A 429 4.33 -11.55 0.57
C TYR A 429 3.95 -10.57 -0.54
N ILE A 430 3.74 -11.09 -1.74
CA ILE A 430 3.37 -10.27 -2.88
C ILE A 430 2.03 -9.57 -2.65
N LEU A 431 1.07 -10.30 -2.11
CA LEU A 431 -0.26 -9.76 -1.82
C LEU A 431 -0.18 -8.55 -0.89
N LEU A 432 0.52 -8.70 0.22
CA LEU A 432 0.68 -7.62 1.18
C LEU A 432 1.49 -6.47 0.60
N ASN A 433 2.42 -6.79 -0.29
CA ASN A 433 3.17 -5.77 -1.01
C ASN A 433 2.23 -4.91 -1.85
N TRP A 434 1.24 -5.56 -2.47
CA TRP A 434 0.25 -4.86 -3.29
C TRP A 434 -0.77 -4.09 -2.45
N ILE A 435 -1.07 -4.63 -1.27
CA ILE A 435 -1.91 -3.91 -0.30
C ILE A 435 -1.16 -2.66 0.14
N GLY A 436 0.16 -2.73 0.11
CA GLY A 436 0.98 -1.55 0.30
C GLY A 436 0.89 -0.63 -0.90
N TYR A 437 0.81 -1.24 -2.09
CA TYR A 437 0.75 -0.49 -3.34
C TYR A 437 -0.51 0.38 -3.47
N VAL A 438 -1.65 -0.13 -3.01
CA VAL A 438 -2.91 0.61 -3.17
C VAL A 438 -2.98 1.88 -2.33
N ASN A 439 -2.09 1.98 -1.33
CA ASN A 439 -2.02 3.17 -0.51
C ASN A 439 -1.65 4.40 -1.32
N SER A 440 -0.89 4.18 -2.39
CA SER A 440 -0.51 5.27 -3.30
C SER A 440 -1.75 5.86 -3.96
N GLY A 441 -2.76 5.03 -4.19
CA GLY A 441 -4.02 5.50 -4.74
C GLY A 441 -4.91 6.06 -3.66
N PHE A 442 -4.79 5.53 -2.45
CA PHE A 442 -5.59 5.99 -1.33
C PHE A 442 -5.17 7.37 -0.83
N ASN A 443 -3.92 7.75 -1.04
CA ASN A 443 -3.40 9.02 -0.57
C ASN A 443 -4.10 10.29 -1.09
N PRO A 444 -4.32 10.40 -2.42
CA PRO A 444 -4.96 11.62 -2.91
C PRO A 444 -6.39 11.83 -2.41
N LEU A 445 -6.99 10.80 -1.80
CA LEU A 445 -8.32 10.93 -1.24
C LEU A 445 -8.28 11.40 0.21
N ILE A 446 -7.08 11.37 0.80
CA ILE A 446 -6.91 11.72 2.20
C ILE A 446 -6.29 13.11 2.37
N TYR A 447 -5.30 13.41 1.53
CA TYR A 447 -4.51 14.63 1.67
C TYR A 447 -4.91 15.72 0.68
N CYS A 448 -6.10 15.62 0.10
CA CYS A 448 -6.56 16.61 -0.86
C CYS A 448 -8.05 16.90 -0.70
N ARG A 449 -8.50 17.06 0.54
CA ARG A 449 -9.91 17.29 0.81
C ARG A 449 -10.22 18.76 1.13
N SER A 450 -9.21 19.61 0.99
CA SER A 450 -9.37 21.03 1.23
C SER A 450 -10.30 21.66 0.18
N PRO A 451 -11.00 22.73 0.56
CA PRO A 451 -11.89 23.43 -0.37
C PRO A 451 -11.18 23.88 -1.64
N ASP A 452 -9.95 24.34 -1.51
CA ASP A 452 -9.15 24.76 -2.67
C ASP A 452 -8.90 23.57 -3.60
N PHE A 453 -8.56 22.43 -3.02
CA PHE A 453 -8.34 21.22 -3.80
C PHE A 453 -9.64 20.76 -4.48
N ARG A 454 -10.76 20.92 -3.78
CA ARG A 454 -12.07 20.59 -4.35
C ARG A 454 -12.39 21.43 -5.58
N ILE A 455 -12.28 22.75 -5.42
CA ILE A 455 -12.53 23.68 -6.51
C ILE A 455 -11.59 23.42 -7.68
N ALA A 456 -10.32 23.17 -7.36
CA ALA A 456 -9.32 22.85 -8.39
C ALA A 456 -9.71 21.59 -9.16
N PHE A 457 -10.10 20.55 -8.43
CA PHE A 457 -10.48 19.27 -9.03
C PHE A 457 -11.70 19.42 -9.92
N GLN A 458 -12.65 20.26 -9.52
CA GLN A 458 -13.83 20.48 -10.35
C GLN A 458 -13.51 21.28 -11.60
N GLU A 459 -12.69 22.31 -11.45
CA GLU A 459 -12.35 23.19 -12.57
C GLU A 459 -11.45 22.49 -13.60
N LEU A 460 -10.62 21.57 -13.14
CA LEU A 460 -9.69 20.87 -14.02
C LEU A 460 -10.38 20.05 -15.10
N LEU A 461 -11.39 19.28 -14.70
CA LEU A 461 -12.09 18.40 -15.64
C LEU A 461 -13.44 18.97 -16.09
N CYS A 462 -13.71 20.22 -15.73
CA CYS A 462 -14.93 20.92 -16.12
C CYS A 462 -16.20 20.15 -15.80
N LEU A 463 -16.40 19.85 -14.52
CA LEU A 463 -17.55 19.09 -14.08
C LEU A 463 -18.81 19.97 -14.01
N GLN B 1 -21.14 25.55 10.06
CA GLN B 1 -22.44 26.10 10.41
C GLN B 1 -22.37 26.91 11.69
N VAL B 2 -21.29 27.68 11.84
CA VAL B 2 -21.13 28.54 13.01
C VAL B 2 -21.19 30.01 12.60
N GLN B 3 -21.45 30.89 13.57
CA GLN B 3 -21.61 32.30 13.30
C GLN B 3 -20.55 33.13 14.00
N LEU B 4 -20.25 34.31 13.44
CA LEU B 4 -19.30 35.22 14.05
C LEU B 4 -19.94 36.60 14.25
N GLN B 5 -20.12 36.97 15.51
CA GLN B 5 -20.72 38.26 15.86
C GLN B 5 -19.67 39.32 16.15
N GLU B 6 -19.56 40.29 15.24
CA GLU B 6 -18.62 41.39 15.41
C GLU B 6 -19.31 42.59 16.05
N SER B 7 -18.54 43.36 16.83
CA SER B 7 -19.08 44.55 17.49
C SER B 7 -17.96 45.47 17.96
N GLY B 8 -18.22 46.77 17.95
CA GLY B 8 -17.27 47.73 18.48
C GLY B 8 -16.89 48.83 17.52
N GLY B 9 -16.96 48.54 16.22
CA GLY B 9 -16.55 49.50 15.20
C GLY B 9 -17.39 50.76 15.17
N GLY B 10 -16.93 51.74 14.39
CA GLY B 10 -17.65 52.99 14.25
C GLY B 10 -16.73 54.14 13.89
N LEU B 11 -17.23 55.36 14.00
CA LEU B 11 -16.43 56.55 13.73
C LEU B 11 -15.53 56.88 14.93
N VAL B 12 -14.34 57.40 14.64
CA VAL B 12 -13.37 57.70 15.68
C VAL B 12 -12.38 58.77 15.22
N GLN B 13 -12.04 59.69 16.12
CA GLN B 13 -11.11 60.76 15.80
C GLN B 13 -9.69 60.22 15.66
N ALA B 14 -8.80 61.03 15.07
CA ALA B 14 -7.42 60.62 14.88
C ALA B 14 -6.66 60.56 16.19
N GLY B 15 -6.11 59.40 16.51
CA GLY B 15 -5.38 59.20 17.75
C GLY B 15 -6.24 58.60 18.84
N GLY B 16 -7.54 58.45 18.54
CA GLY B 16 -8.47 57.89 19.50
C GLY B 16 -8.36 56.39 19.61
N SER B 17 -9.01 55.81 20.62
CA SER B 17 -8.96 54.38 20.85
C SER B 17 -10.29 53.71 20.51
N LEU B 18 -10.21 52.46 20.06
CA LEU B 18 -11.39 51.70 19.67
C LEU B 18 -11.19 50.24 20.05
N ARG B 19 -12.27 49.56 20.43
CA ARG B 19 -12.19 48.16 20.83
C ARG B 19 -13.10 47.27 19.99
N LEU B 20 -12.50 46.41 19.17
CA LEU B 20 -13.26 45.45 18.40
C LEU B 20 -13.50 44.18 19.21
N SER B 21 -14.52 43.42 18.81
CA SER B 21 -14.88 42.20 19.53
C SER B 21 -15.60 41.21 18.62
N CYS B 22 -15.19 39.95 18.69
CA CYS B 22 -15.81 38.91 17.87
C CYS B 22 -16.17 37.68 18.70
N ALA B 23 -17.46 37.35 18.72
CA ALA B 23 -17.93 36.18 19.45
C ALA B 23 -18.25 35.04 18.49
N ALA B 24 -17.68 33.87 18.76
CA ALA B 24 -17.87 32.70 17.91
C ALA B 24 -18.98 31.80 18.43
N SER B 25 -20.13 31.87 17.79
CA SER B 25 -21.28 31.05 18.17
C SER B 25 -21.30 29.73 17.41
N GLY B 26 -20.94 28.65 18.09
CA GLY B 26 -20.93 27.34 17.46
C GLY B 26 -19.78 26.47 17.96
N SER B 27 -19.63 25.30 17.36
CA SER B 27 -18.60 24.36 17.76
C SER B 27 -17.35 24.48 16.90
N ILE B 28 -16.25 24.93 17.53
CA ILE B 28 -14.97 25.06 16.85
C ILE B 28 -13.95 24.11 17.47
N PHE B 29 -13.08 23.54 16.63
CA PHE B 29 -12.03 22.65 17.10
C PHE B 29 -11.10 23.36 18.08
N ALA B 30 -10.58 22.61 19.04
CA ALA B 30 -9.79 23.17 20.13
C ALA B 30 -8.52 23.89 19.66
N LEU B 31 -8.00 23.50 18.50
CA LEU B 31 -6.82 24.14 17.94
C LEU B 31 -7.21 25.05 16.78
N ASN B 32 -7.11 26.36 16.99
CA ASN B 32 -7.56 27.33 16.01
C ASN B 32 -6.83 28.67 16.09
N ILE B 33 -6.98 29.47 15.04
CA ILE B 33 -6.40 30.81 15.01
C ILE B 33 -7.49 31.85 14.80
N MET B 34 -7.84 32.57 15.86
CA MET B 34 -8.89 33.58 15.76
C MET B 34 -8.27 34.98 15.67
N GLY B 35 -8.55 35.68 14.58
CA GLY B 35 -7.95 36.97 14.36
C GLY B 35 -8.78 37.97 13.57
N TRP B 36 -8.15 39.09 13.21
CA TRP B 36 -8.80 40.16 12.46
C TRP B 36 -8.00 40.52 11.22
N TYR B 37 -8.71 40.69 10.11
CA TYR B 37 -8.14 41.17 8.86
C TYR B 37 -8.79 42.50 8.51
N ARG B 38 -8.31 43.17 7.47
CA ARG B 38 -8.91 44.46 7.05
C ARG B 38 -8.74 44.75 5.56
N GLN B 39 -9.70 45.50 5.02
CA GLN B 39 -9.61 45.98 3.64
C GLN B 39 -9.62 47.49 3.57
N ALA B 40 -8.48 48.08 3.22
CA ALA B 40 -8.37 49.53 3.05
C ALA B 40 -8.98 49.94 1.71
N PRO B 41 -9.49 51.18 1.63
CA PRO B 41 -10.05 51.71 0.38
C PRO B 41 -9.06 51.64 -0.78
N GLY B 42 -9.24 50.67 -1.66
CA GLY B 42 -8.40 50.53 -2.84
C GLY B 42 -7.20 49.62 -2.63
N LYS B 43 -7.21 48.87 -1.54
CA LYS B 43 -6.12 47.96 -1.23
C LYS B 43 -6.62 46.57 -0.85
N GLN B 44 -5.76 45.56 -1.01
CA GLN B 44 -6.13 44.18 -0.77
C GLN B 44 -6.39 43.88 0.71
N ARG B 45 -6.96 42.70 0.97
CA ARG B 45 -7.27 42.29 2.33
C ARG B 45 -6.02 41.91 3.11
N GLU B 46 -5.69 42.72 4.12
CA GLU B 46 -4.47 42.55 4.89
C GLU B 46 -4.77 42.01 6.28
N LEU B 47 -3.88 41.18 6.80
CA LEU B 47 -3.99 40.65 8.16
C LEU B 47 -3.67 41.72 9.20
N VAL B 48 -4.61 41.95 10.11
CA VAL B 48 -4.39 42.91 11.20
C VAL B 48 -3.74 42.22 12.39
N ALA B 49 -4.48 41.35 13.05
CA ALA B 49 -3.98 40.75 14.29
C ALA B 49 -4.64 39.41 14.62
N ALA B 50 -3.84 38.35 14.63
CA ALA B 50 -4.37 37.01 14.90
C ALA B 50 -3.85 36.46 16.22
N ILE B 51 -4.68 35.71 16.93
CA ILE B 51 -4.24 35.01 18.14
C ILE B 51 -4.49 33.52 18.05
N HIS B 52 -3.51 32.73 18.47
CA HIS B 52 -3.61 31.28 18.46
C HIS B 52 -4.39 30.81 19.68
N SER B 53 -4.94 29.60 19.61
CA SER B 53 -5.66 29.01 20.73
C SER B 53 -4.70 28.68 21.87
N GLY B 54 -3.40 28.70 21.56
CA GLY B 54 -2.38 28.43 22.54
C GLY B 54 -1.78 29.69 23.14
N GLY B 55 -2.50 30.81 23.00
CA GLY B 55 -2.12 32.04 23.65
C GLY B 55 -1.27 32.99 22.80
N THR B 56 -0.37 32.43 22.01
CA THR B 56 0.54 33.24 21.19
C THR B 56 -0.21 34.13 20.20
N THR B 57 0.37 35.28 19.88
CA THR B 57 -0.26 36.24 18.99
C THR B 57 0.62 36.57 17.78
N ASN B 58 0.09 37.40 16.89
CA ASN B 58 0.79 37.84 15.69
C ASN B 58 0.16 39.10 15.11
N TYR B 59 0.98 40.10 14.80
CA TYR B 59 0.49 41.38 14.31
C TYR B 59 1.18 41.77 13.01
N ALA B 60 0.55 42.67 12.26
CA ALA B 60 1.17 43.23 11.06
C ALA B 60 2.24 44.24 11.47
N ASN B 61 3.14 44.54 10.54
CA ASN B 61 4.24 45.46 10.84
C ASN B 61 3.81 46.92 10.91
N SER B 62 2.56 47.20 10.52
CA SER B 62 2.05 48.56 10.51
C SER B 62 1.14 48.82 11.72
N VAL B 63 0.86 47.78 12.49
CA VAL B 63 -0.01 47.89 13.64
C VAL B 63 0.69 47.46 14.93
N LYS B 64 1.89 46.92 14.78
CA LYS B 64 2.67 46.45 15.92
C LYS B 64 3.07 47.60 16.83
N GLY B 65 2.67 47.54 18.09
CA GLY B 65 2.99 48.57 19.05
C GLY B 65 1.79 49.47 19.31
N ARG B 66 0.81 49.42 18.41
CA ARG B 66 -0.41 50.21 18.55
C ARG B 66 -1.61 49.31 18.83
N PHE B 67 -1.67 48.18 18.13
CA PHE B 67 -2.76 47.24 18.30
C PHE B 67 -2.36 46.08 19.20
N THR B 68 -3.33 45.50 19.91
CA THR B 68 -3.07 44.38 20.81
C THR B 68 -4.29 43.48 20.91
N ILE B 69 -4.12 42.21 20.55
CA ILE B 69 -5.22 41.26 20.52
C ILE B 69 -5.23 40.35 21.75
N SER B 70 -6.42 40.05 22.25
CA SER B 70 -6.58 39.12 23.35
C SER B 70 -7.86 38.29 23.15
N ARG B 71 -8.10 37.33 24.03
CA ARG B 71 -9.29 36.50 23.92
C ARG B 71 -9.87 36.12 25.27
N ASP B 72 -11.12 35.64 25.26
CA ASP B 72 -11.84 35.32 26.47
C ASP B 72 -11.48 33.91 26.95
N ASN B 73 -12.03 33.53 28.11
CA ASN B 73 -11.80 32.22 28.71
C ASN B 73 -12.18 30.98 27.92
N ALA B 74 -13.47 30.79 27.70
CA ALA B 74 -13.97 29.61 27.01
C ALA B 74 -15.11 30.03 26.08
N ALA B 75 -15.46 31.31 26.11
CA ALA B 75 -16.54 31.83 25.28
C ALA B 75 -16.11 32.01 23.82
N ASN B 76 -14.83 31.75 23.57
CA ASN B 76 -14.24 31.92 22.24
C ASN B 76 -14.44 33.31 21.65
N THR B 77 -14.40 34.32 22.52
CA THR B 77 -14.56 35.71 22.12
C THR B 77 -13.21 36.41 22.06
N VAL B 78 -12.95 37.13 20.97
CA VAL B 78 -11.68 37.83 20.81
C VAL B 78 -11.85 39.35 20.86
N TYR B 79 -11.05 39.99 21.71
CA TYR B 79 -11.09 41.44 21.86
C TYR B 79 -9.83 42.09 21.27
N LEU B 80 -10.04 42.99 20.31
CA LEU B 80 -8.94 43.69 19.66
C LEU B 80 -8.84 45.13 20.14
N GLN B 81 -7.75 45.43 20.84
CA GLN B 81 -7.49 46.76 21.38
C GLN B 81 -6.74 47.61 20.36
N MET B 82 -7.38 48.68 19.90
CA MET B 82 -6.77 49.55 18.91
C MET B 82 -6.51 50.94 19.48
N ASN B 83 -5.25 51.23 19.78
CA ASN B 83 -4.87 52.52 20.33
C ASN B 83 -4.06 53.34 19.34
N SER B 84 -4.13 54.66 19.48
CA SER B 84 -3.42 55.60 18.61
C SER B 84 -3.74 55.35 17.13
N LEU B 85 -5.02 55.43 16.79
CA LEU B 85 -5.47 55.16 15.42
C LEU B 85 -4.97 56.20 14.43
N LYS B 86 -4.86 55.79 13.17
CA LYS B 86 -4.35 56.65 12.11
C LYS B 86 -5.30 56.64 10.92
N PRO B 87 -5.19 57.63 10.02
CA PRO B 87 -6.05 57.66 8.83
C PRO B 87 -5.84 56.48 7.88
N GLU B 88 -4.68 55.83 7.97
CA GLU B 88 -4.41 54.66 7.13
C GLU B 88 -4.93 53.38 7.78
N ASP B 89 -5.49 53.50 8.98
CA ASP B 89 -6.11 52.37 9.65
C ASP B 89 -7.59 52.31 9.32
N THR B 90 -8.06 53.30 8.57
CA THR B 90 -9.44 53.32 8.10
C THR B 90 -9.65 52.21 7.08
N ALA B 91 -10.41 51.19 7.46
CA ALA B 91 -10.61 50.04 6.60
C ALA B 91 -11.85 49.25 7.00
N VAL B 92 -12.03 48.09 6.38
CA VAL B 92 -13.13 47.20 6.71
C VAL B 92 -12.59 45.99 7.45
N TYR B 93 -12.87 45.91 8.75
CA TYR B 93 -12.32 44.86 9.60
C TYR B 93 -13.19 43.60 9.63
N TYR B 94 -12.60 42.47 9.25
CA TYR B 94 -13.29 41.19 9.26
C TYR B 94 -12.76 40.29 10.36
N CYS B 95 -13.66 39.65 11.10
CA CYS B 95 -13.28 38.65 12.08
C CYS B 95 -13.11 37.30 11.40
N ASN B 96 -12.13 36.52 11.85
CA ASN B 96 -11.78 35.28 11.17
C ASN B 96 -11.36 34.16 12.12
N VAL B 97 -11.73 32.93 11.75
CA VAL B 97 -11.38 31.74 12.53
C VAL B 97 -10.77 30.67 11.64
N LYS B 98 -9.51 30.35 11.88
CA LYS B 98 -8.83 29.27 11.19
C LYS B 98 -8.97 27.98 12.00
N ASP B 99 -9.82 27.08 11.53
CA ASP B 99 -10.07 25.83 12.24
C ASP B 99 -9.28 24.67 11.64
N PHE B 100 -8.48 24.01 12.47
CA PHE B 100 -7.69 22.86 12.02
C PHE B 100 -8.40 21.55 12.31
N GLY B 101 -9.66 21.46 11.92
CA GLY B 101 -10.46 20.28 12.19
C GLY B 101 -10.04 19.07 11.38
N ALA B 102 -9.64 19.31 10.14
CA ALA B 102 -9.24 18.23 9.24
C ALA B 102 -7.74 18.00 9.25
N ILE B 103 -7.05 18.72 10.14
CA ILE B 103 -5.61 18.56 10.35
C ILE B 103 -4.74 18.87 9.13
N ILE B 104 -5.05 18.26 7.99
CA ILE B 104 -4.29 18.46 6.76
C ILE B 104 -4.43 19.90 6.25
N TYR B 105 -5.65 20.43 6.30
CA TYR B 105 -5.89 21.81 5.88
C TYR B 105 -6.59 22.61 6.97
N ASP B 106 -7.07 23.79 6.61
CA ASP B 106 -7.74 24.68 7.57
C ASP B 106 -9.01 25.30 7.02
N TYR B 107 -10.09 25.19 7.79
CA TYR B 107 -11.38 25.74 7.40
C TYR B 107 -11.50 27.18 7.91
N ASP B 108 -11.76 28.11 7.01
CA ASP B 108 -11.90 29.52 7.39
C ASP B 108 -13.34 29.93 7.63
N TYR B 109 -13.59 30.51 8.80
CA TYR B 109 -14.89 31.09 9.10
C TYR B 109 -14.77 32.61 9.16
N TRP B 110 -15.58 33.30 8.37
CA TRP B 110 -15.49 34.75 8.29
C TRP B 110 -16.66 35.46 8.97
N GLY B 111 -16.46 36.74 9.28
CA GLY B 111 -17.51 37.56 9.88
C GLY B 111 -18.20 38.41 8.84
N GLN B 112 -19.22 39.16 9.28
CA GLN B 112 -19.97 40.02 8.37
C GLN B 112 -19.15 41.24 7.98
N GLY B 113 -18.22 41.64 8.83
CA GLY B 113 -17.37 42.78 8.56
C GLY B 113 -17.90 44.06 9.17
N THR B 114 -17.03 44.81 9.83
CA THR B 114 -17.42 46.09 10.42
C THR B 114 -16.57 47.23 9.88
N GLN B 115 -17.22 48.38 9.68
CA GLN B 115 -16.55 49.56 9.14
C GLN B 115 -15.90 50.38 10.26
N VAL B 116 -14.67 50.81 10.01
CA VAL B 116 -13.95 51.67 10.96
C VAL B 116 -13.40 52.88 10.22
N THR B 117 -13.88 54.07 10.60
CA THR B 117 -13.47 55.31 9.95
C THR B 117 -12.70 56.20 10.92
N VAL B 118 -11.48 56.57 10.53
CA VAL B 118 -10.66 57.48 11.33
C VAL B 118 -10.65 58.88 10.74
N SER B 119 -11.12 59.84 11.52
CA SER B 119 -11.22 61.23 11.07
C SER B 119 -9.84 61.85 10.82
N SER B 120 -9.51 62.07 9.55
CA SER B 120 -8.23 62.65 9.18
C SER B 120 -8.16 64.12 9.58
CAA XQC C . 10.30 -5.61 -5.19
CAB XQC C . 9.16 -6.18 -4.35
CAC XQC C . 9.71 -7.18 -3.34
CAD XQC C . 8.08 -6.83 -5.23
CAE XQC C . 8.40 -8.25 -5.64
CAF XQC C . 9.37 -8.52 -6.59
CAG XQC C . 9.64 -9.83 -6.96
CAH XQC C . 8.92 -10.88 -6.38
CAJ XQC C . 7.94 -10.61 -5.44
CAK XQC C . 7.67 -9.30 -5.07
CAM XQC C . 9.42 -4.33 -2.70
CAN XQC C . 8.58 -3.54 -1.72
CAP XQC C . 9.49 -2.79 -0.81
CAQ XQC C . 9.25 -1.46 -0.50
CAR XQC C . 10.13 -0.79 0.35
CAS XQC C . 11.23 -1.43 0.87
CAU XQC C . 11.46 -2.77 0.56
CAW XQC C . 10.59 -3.44 -0.29
NAL XQC C . 8.58 -5.09 -3.61
OAI XQC C . 9.18 -12.17 -6.74
OAO XQC C . 7.70 -2.65 -2.42
OAT XQC C . 12.09 -0.78 1.71
OAV XQC C . 12.55 -3.41 1.07
NA NA D . 17.52 -12.33 -12.86
C10 1WV E . -2.76 -9.45 -6.14
C13 1WV E . -0.14 -12.25 -6.53
C17 1WV E . 0.48 -15.90 -6.99
C20 1WV E . -0.79 -17.92 -7.74
C07 1WV E . -4.35 -7.00 -4.53
C08 1WV E . -4.05 -7.32 -6.00
C09 1WV E . -2.68 -7.92 -6.26
C11 1WV E . -1.38 -10.08 -6.40
C12 1WV E . -1.50 -11.60 -6.26
C14 1WV E . -0.25 -13.77 -6.39
O15 1WV E . -1.09 -14.27 -5.64
O16 1WV E . 0.64 -14.48 -7.14
C18 1WV E . -0.64 -16.41 -7.90
O19 1WV E . -0.31 -16.12 -9.27
O21 1WV E . -1.12 -18.22 -6.38
#